data_6AVJ
#
_entry.id   6AVJ
#
_cell.length_a   91.406
_cell.length_b   52.250
_cell.length_c   78.951
_cell.angle_alpha   90.000
_cell.angle_beta   108.670
_cell.angle_gamma   90.000
#
_symmetry.space_group_name_H-M   'C 1 2 1'
#
loop_
_entity.id
_entity.type
_entity.pdbx_description
1 polymer 'CDGSH iron-sulfur domain-containing protein 3, mitochondrial'
2 non-polymer 'FE2/S2 (INORGANIC) CLUSTER'
3 water water
#
_entity_poly.entity_id   1
_entity_poly.type   'polypeptide(L)'
_entity_poly.pdbx_seq_one_letter_code
;PARSVVALKTPIKVELVAGKTYRWCVCGRSKKQPFCDGSCFFQRTGLSPLKFKAQETRMVALCTCKATQRPPYCDGTCRS
ERVQKAEVGSPL
;
_entity_poly.pdbx_strand_id   A,B,C
#
loop_
_chem_comp.id
_chem_comp.type
_chem_comp.name
_chem_comp.formula
FES non-polymer 'FE2/S2 (INORGANIC) CLUSTER' 'Fe2 S2'
#
# COMPACT_ATOMS: atom_id res chain seq x y z
N PRO A 1 -14.60 -33.19 -7.34
CA PRO A 1 -14.53 -32.45 -6.05
C PRO A 1 -15.90 -32.11 -5.54
N ALA A 2 -15.98 -31.54 -4.35
CA ALA A 2 -17.26 -31.04 -3.86
C ALA A 2 -17.79 -29.94 -4.78
N ARG A 3 -19.11 -29.70 -4.73
CA ARG A 3 -19.68 -28.51 -5.38
C ARG A 3 -19.22 -27.23 -4.67
N SER A 4 -19.01 -26.15 -5.42
CA SER A 4 -18.79 -24.90 -4.73
C SER A 4 -20.11 -24.36 -4.19
N VAL A 5 -20.01 -23.47 -3.22
CA VAL A 5 -21.19 -22.84 -2.62
C VAL A 5 -21.08 -21.31 -2.67
N VAL A 6 -22.23 -20.66 -2.61
CA VAL A 6 -22.29 -19.20 -2.63
C VAL A 6 -21.89 -18.69 -1.23
N ALA A 7 -20.77 -17.97 -1.14
CA ALA A 7 -20.35 -17.45 0.16
C ALA A 7 -21.07 -16.16 0.52
N LEU A 8 -21.21 -15.27 -0.44
CA LEU A 8 -21.90 -14.01 -0.24
C LEU A 8 -22.47 -13.63 -1.57
N LYS A 9 -23.27 -12.57 -1.59
CA LYS A 9 -23.97 -12.13 -2.80
C LYS A 9 -23.53 -10.77 -3.25
N THR A 10 -22.48 -10.20 -2.65
CA THR A 10 -21.89 -8.95 -3.13
C THR A 10 -20.38 -9.13 -3.04
N PRO A 11 -19.63 -8.59 -4.01
CA PRO A 11 -18.17 -8.77 -4.04
C PRO A 11 -17.52 -8.02 -2.89
N ILE A 12 -16.26 -8.33 -2.62
CA ILE A 12 -15.48 -7.60 -1.63
C ILE A 12 -14.37 -6.82 -2.34
N LYS A 13 -14.32 -5.55 -2.07
CA LYS A 13 -13.26 -4.71 -2.64
C LYS A 13 -12.01 -4.88 -1.82
N VAL A 14 -10.87 -5.06 -2.49
CA VAL A 14 -9.59 -5.27 -1.80
C VAL A 14 -8.52 -4.46 -2.52
N GLU A 15 -7.62 -3.89 -1.73
CA GLU A 15 -6.46 -3.20 -2.30
C GLU A 15 -5.40 -4.26 -2.52
N LEU A 16 -5.21 -4.65 -3.78
CA LEU A 16 -4.08 -5.52 -4.14
C LEU A 16 -2.76 -4.75 -4.17
N VAL A 17 -1.68 -5.41 -3.76
CA VAL A 17 -0.34 -4.85 -3.67
C VAL A 17 0.54 -5.53 -4.70
N ALA A 18 1.10 -4.75 -5.63
CA ALA A 18 1.96 -5.25 -6.69
C ALA A 18 3.05 -6.14 -6.11
N GLY A 19 3.15 -7.36 -6.66
CA GLY A 19 4.14 -8.33 -6.26
C GLY A 19 3.69 -9.28 -5.20
N LYS A 20 2.50 -9.08 -4.66
CA LYS A 20 2.05 -9.89 -3.53
C LYS A 20 1.24 -11.04 -4.08
N THR A 21 1.42 -12.20 -3.48
CA THR A 21 0.71 -13.43 -3.90
C THR A 21 -0.56 -13.59 -3.09
N TYR A 22 -1.66 -13.89 -3.78
CA TYR A 22 -2.97 -14.04 -3.18
C TYR A 22 -3.52 -15.41 -3.55
N ARG A 23 -4.48 -15.89 -2.73
CA ARG A 23 -5.12 -17.21 -2.92
C ARG A 23 -6.63 -17.02 -2.81
N TRP A 24 -7.29 -16.93 -3.95
CA TRP A 24 -8.73 -16.65 -3.97
C TRP A 24 -9.52 -17.90 -3.58
N CYS A 25 -10.53 -17.73 -2.74
CA CYS A 25 -11.30 -18.91 -2.36
C CYS A 25 -12.22 -19.29 -3.51
N VAL A 26 -12.03 -20.50 -4.03
CA VAL A 26 -12.89 -20.98 -5.10
C VAL A 26 -14.09 -21.76 -4.58
N CYS A 27 -14.02 -22.28 -3.36
CA CYS A 27 -14.99 -23.27 -2.87
C CYS A 27 -16.19 -22.65 -2.16
N GLY A 28 -16.13 -21.38 -1.77
CA GLY A 28 -17.17 -20.70 -1.04
C GLY A 28 -17.21 -20.93 0.47
N ARG A 29 -16.27 -21.69 1.03
CA ARG A 29 -16.35 -22.07 2.44
C ARG A 29 -15.46 -21.23 3.36
N SER A 30 -14.49 -20.51 2.82
CA SER A 30 -13.62 -19.72 3.68
C SER A 30 -14.43 -18.77 4.56
N LYS A 31 -14.02 -18.66 5.82
CA LYS A 31 -14.59 -17.65 6.70
C LYS A 31 -13.78 -16.34 6.65
N LYS A 32 -12.80 -16.23 5.74
CA LYS A 32 -12.07 -14.98 5.53
C LYS A 32 -12.21 -14.54 4.07
N GLN A 33 -13.45 -14.45 3.60
CA GLN A 33 -13.69 -14.14 2.21
C GLN A 33 -13.02 -12.81 1.90
N PRO A 34 -12.50 -12.64 0.67
CA PRO A 34 -12.62 -13.48 -0.54
C PRO A 34 -11.50 -14.49 -0.69
N PHE A 35 -10.67 -14.64 0.32
CA PHE A 35 -9.44 -15.44 0.22
C PHE A 35 -9.59 -16.75 0.97
N CYS A 36 -8.74 -17.70 0.59
CA CYS A 36 -8.70 -19.03 1.20
C CYS A 36 -8.18 -18.98 2.64
N ASP A 37 -8.86 -19.71 3.52
CA ASP A 37 -8.41 -19.95 4.88
C ASP A 37 -8.14 -21.43 5.14
N GLY A 38 -8.09 -22.26 4.11
CA GLY A 38 -7.79 -23.67 4.28
C GLY A 38 -8.99 -24.58 4.41
N SER A 39 -10.20 -24.02 4.50
CA SER A 39 -11.39 -24.85 4.64
C SER A 39 -11.50 -25.88 3.53
N CYS A 40 -11.11 -25.48 2.30
CA CYS A 40 -11.09 -26.41 1.16
C CYS A 40 -10.34 -27.69 1.51
N PHE A 41 -9.28 -27.58 2.32
CA PHE A 41 -8.41 -28.69 2.69
C PHE A 41 -8.94 -29.43 3.92
N PHE A 42 -9.33 -28.67 4.95
CA PHE A 42 -9.78 -29.27 6.22
C PHE A 42 -11.03 -30.10 6.02
N GLN A 43 -11.89 -29.70 5.08
CA GLN A 43 -13.13 -30.38 4.75
C GLN A 43 -12.96 -31.33 3.57
N ARG A 44 -11.73 -31.53 3.11
CA ARG A 44 -11.43 -32.51 2.04
C ARG A 44 -12.37 -32.35 0.85
N THR A 45 -12.48 -31.11 0.36
CA THR A 45 -13.39 -30.85 -0.74
C THR A 45 -12.85 -31.32 -2.09
N GLY A 46 -11.56 -31.55 -2.22
CA GLY A 46 -10.94 -31.76 -3.51
C GLY A 46 -10.65 -30.47 -4.26
N LEU A 47 -11.07 -29.32 -3.74
CA LEU A 47 -10.84 -28.02 -4.38
C LEU A 47 -9.62 -27.38 -3.77
N SER A 48 -9.07 -26.38 -4.45
CA SER A 48 -7.92 -25.67 -3.91
C SER A 48 -7.93 -24.25 -4.46
N PRO A 49 -7.34 -23.29 -3.76
CA PRO A 49 -7.56 -21.87 -4.10
C PRO A 49 -6.84 -21.48 -5.39
N LEU A 50 -7.37 -20.46 -6.04
CA LEU A 50 -6.78 -19.92 -7.27
C LEU A 50 -5.65 -18.97 -6.87
N LYS A 51 -4.41 -19.44 -7.00
CA LYS A 51 -3.28 -18.61 -6.61
C LYS A 51 -2.98 -17.60 -7.73
N PHE A 52 -2.79 -16.33 -7.35
CA PHE A 52 -2.43 -15.30 -8.32
C PHE A 52 -1.53 -14.25 -7.68
N LYS A 53 -0.71 -13.62 -8.50
CA LYS A 53 0.23 -12.62 -8.02
C LYS A 53 -0.20 -11.30 -8.64
N ALA A 54 -0.39 -10.30 -7.81
CA ALA A 54 -0.88 -9.03 -8.30
C ALA A 54 0.21 -8.34 -9.12
N GLN A 55 -0.15 -7.84 -10.29
CA GLN A 55 0.82 -7.17 -11.14
C GLN A 55 0.89 -5.68 -10.89
N GLU A 56 -0.16 -5.09 -10.30
CA GLU A 56 -0.19 -3.66 -10.04
C GLU A 56 -0.94 -3.39 -8.74
N THR A 57 -0.60 -2.29 -8.08
CA THR A 57 -1.30 -1.88 -6.87
C THR A 57 -2.57 -1.14 -7.29
N ARG A 58 -3.73 -1.67 -6.90
CA ARG A 58 -5.01 -1.09 -7.28
C ARG A 58 -6.13 -1.74 -6.46
N MET A 59 -7.26 -1.06 -6.40
CA MET A 59 -8.49 -1.61 -5.80
C MET A 59 -9.16 -2.54 -6.83
N VAL A 60 -9.51 -3.75 -6.44
CA VAL A 60 -10.26 -4.65 -7.30
C VAL A 60 -11.48 -5.15 -6.52
N ALA A 61 -12.39 -5.77 -7.23
CA ALA A 61 -13.55 -6.41 -6.58
C ALA A 61 -13.45 -7.91 -6.83
N LEU A 62 -13.27 -8.70 -5.76
CA LEU A 62 -13.14 -10.15 -5.87
C LEU A 62 -14.46 -10.86 -5.63
N CYS A 63 -14.68 -11.94 -6.36
CA CYS A 63 -15.97 -12.61 -6.37
C CYS A 63 -16.15 -13.46 -5.11
N THR A 64 -17.32 -13.31 -4.50
CA THR A 64 -17.74 -14.06 -3.33
C THR A 64 -18.88 -15.05 -3.65
N CYS A 65 -19.70 -14.77 -4.66
CA CYS A 65 -20.76 -15.72 -5.03
C CYS A 65 -20.23 -16.99 -5.69
N LYS A 66 -18.96 -16.95 -6.12
CA LYS A 66 -18.15 -17.98 -6.76
C LYS A 66 -18.66 -18.37 -8.14
N ALA A 67 -19.56 -17.62 -8.73
CA ALA A 67 -20.06 -17.92 -10.06
C ALA A 67 -19.49 -17.03 -11.17
N THR A 68 -18.51 -16.16 -10.87
CA THR A 68 -17.99 -15.29 -11.93
C THR A 68 -17.44 -16.11 -13.11
N GLN A 69 -17.54 -15.55 -14.32
CA GLN A 69 -16.93 -16.15 -15.48
C GLN A 69 -15.50 -15.68 -15.70
N ARG A 70 -15.03 -14.75 -14.88
CA ARG A 70 -13.66 -14.25 -14.98
C ARG A 70 -12.97 -14.28 -13.59
N PRO A 71 -12.85 -15.46 -13.00
CA PRO A 71 -12.24 -15.57 -11.69
C PRO A 71 -10.80 -15.08 -11.73
N PRO A 72 -10.31 -14.47 -10.64
CA PRO A 72 -10.96 -14.32 -9.32
C PRO A 72 -11.93 -13.10 -9.21
N TYR A 73 -12.10 -12.36 -10.30
CA TYR A 73 -12.73 -11.05 -10.22
C TYR A 73 -14.25 -11.15 -10.36
N CYS A 74 -14.92 -10.21 -9.73
CA CYS A 74 -16.36 -10.03 -9.89
C CYS A 74 -16.63 -9.59 -11.32
N ASP A 75 -17.53 -10.27 -11.99
CA ASP A 75 -17.93 -9.84 -13.33
C ASP A 75 -19.41 -9.50 -13.36
N GLY A 76 -20.05 -9.35 -12.20
CA GLY A 76 -21.44 -8.94 -12.19
C GLY A 76 -22.44 -10.07 -12.34
N THR A 77 -21.97 -11.31 -12.47
CA THR A 77 -22.87 -12.47 -12.41
C THR A 77 -23.69 -12.45 -11.12
N CYS A 78 -23.11 -11.99 -10.01
CA CYS A 78 -23.86 -11.77 -8.77
C CYS A 78 -25.06 -10.89 -8.94
N ARG A 79 -25.11 -10.10 -10.01
CA ARG A 79 -26.25 -9.22 -10.23
C ARG A 79 -27.45 -9.95 -10.83
N SER A 80 -27.24 -11.16 -11.32
CA SER A 80 -28.31 -11.95 -11.88
C SER A 80 -29.35 -12.30 -10.81
N GLU A 81 -30.60 -12.54 -11.25
CA GLU A 81 -31.61 -13.03 -10.31
C GLU A 81 -31.24 -14.38 -9.77
N ARG A 82 -30.59 -15.19 -10.59
CA ARG A 82 -30.18 -16.51 -10.13
C ARG A 82 -29.32 -16.42 -8.86
N VAL A 83 -28.33 -15.53 -8.84
CA VAL A 83 -27.47 -15.43 -7.65
C VAL A 83 -28.17 -14.70 -6.52
N GLN A 84 -28.90 -13.62 -6.83
CA GLN A 84 -29.49 -12.86 -5.73
C GLN A 84 -30.54 -13.69 -4.97
N LYS A 85 -31.18 -14.65 -5.63
CA LYS A 85 -32.15 -15.55 -4.99
C LYS A 85 -31.51 -16.76 -4.36
N ALA A 86 -30.20 -16.94 -4.53
CA ALA A 86 -29.55 -18.14 -3.99
C ALA A 86 -29.41 -18.02 -2.49
N GLU A 87 -29.22 -19.15 -1.83
CA GLU A 87 -29.02 -19.14 -0.39
C GLU A 87 -27.53 -19.22 -0.10
N VAL A 88 -27.03 -18.32 0.76
CA VAL A 88 -25.62 -18.42 1.09
C VAL A 88 -25.38 -19.78 1.73
N GLY A 89 -24.27 -20.40 1.37
CA GLY A 89 -23.90 -21.69 1.91
C GLY A 89 -24.37 -22.87 1.11
N SER A 90 -25.20 -22.64 0.11
CA SER A 90 -25.70 -23.61 -0.86
C SER A 90 -25.12 -23.40 -2.26
N PRO A 91 -25.06 -24.47 -3.05
CA PRO A 91 -24.61 -24.34 -4.44
C PRO A 91 -25.64 -23.57 -5.25
N LEU A 92 -25.15 -22.95 -6.32
CA LEU A 92 -26.03 -22.13 -7.13
C LEU A 92 -26.97 -23.05 -7.95
N PRO B 1 35.44 4.05 8.11
CA PRO B 1 34.46 3.23 8.84
C PRO B 1 34.54 1.75 8.48
N ALA B 2 33.79 0.93 9.21
CA ALA B 2 33.78 -0.51 8.99
C ALA B 2 33.25 -0.85 7.59
N ARG B 3 33.75 -1.97 7.07
CA ARG B 3 33.14 -2.65 5.94
C ARG B 3 31.80 -3.23 6.35
N SER B 4 30.91 -3.37 5.37
CA SER B 4 29.66 -4.09 5.55
C SER B 4 29.92 -5.59 5.67
N VAL B 5 29.03 -6.30 6.38
CA VAL B 5 29.10 -7.76 6.44
C VAL B 5 27.88 -8.35 5.73
N VAL B 6 28.08 -9.53 5.14
CA VAL B 6 27.01 -10.31 4.53
C VAL B 6 26.08 -10.84 5.62
N ALA B 7 24.94 -10.17 5.81
CA ALA B 7 24.00 -10.56 6.87
C ALA B 7 23.35 -11.90 6.57
N LEU B 8 23.02 -12.13 5.30
CA LEU B 8 22.38 -13.34 4.81
C LEU B 8 22.77 -13.45 3.34
N LYS B 9 22.55 -14.62 2.79
CA LYS B 9 22.84 -14.80 1.38
C LYS B 9 21.59 -14.84 0.53
N THR B 10 20.42 -14.56 1.12
CA THR B 10 19.21 -14.44 0.31
C THR B 10 18.40 -13.21 0.74
N PRO B 11 17.76 -12.53 -0.21
CA PRO B 11 17.04 -11.28 0.11
C PRO B 11 15.77 -11.56 0.89
N ILE B 12 15.22 -10.50 1.48
CA ILE B 12 13.99 -10.58 2.24
C ILE B 12 12.98 -9.70 1.52
N LYS B 13 11.82 -10.28 1.20
CA LYS B 13 10.71 -9.54 0.60
C LYS B 13 9.93 -8.86 1.69
N VAL B 14 9.64 -7.58 1.48
CA VAL B 14 8.86 -6.81 2.43
C VAL B 14 7.85 -6.02 1.61
N GLU B 15 6.73 -5.72 2.25
CA GLU B 15 5.69 -4.86 1.71
C GLU B 15 6.04 -3.43 2.07
N LEU B 16 6.46 -2.64 1.09
CA LEU B 16 6.70 -1.21 1.33
C LEU B 16 5.40 -0.43 1.06
N VAL B 17 5.12 0.55 1.90
CA VAL B 17 3.93 1.42 1.77
C VAL B 17 4.35 2.81 1.31
N ALA B 18 3.82 3.25 0.18
CA ALA B 18 4.13 4.58 -0.34
C ALA B 18 3.99 5.65 0.72
N GLY B 19 4.98 6.53 0.79
CA GLY B 19 4.98 7.63 1.73
C GLY B 19 5.53 7.31 3.11
N LYS B 20 5.77 6.05 3.43
CA LYS B 20 6.31 5.70 4.72
C LYS B 20 7.82 5.70 4.65
N THR B 21 8.46 6.07 5.77
CA THR B 21 9.91 6.15 5.88
C THR B 21 10.50 4.83 6.34
N TYR B 22 11.53 4.37 5.65
CA TYR B 22 12.25 3.15 6.00
C TYR B 22 13.75 3.42 6.13
N ARG B 23 14.41 2.56 6.90
CA ARG B 23 15.85 2.64 7.11
C ARG B 23 16.46 1.27 6.79
N TRP B 24 17.02 1.18 5.58
CA TRP B 24 17.70 -0.03 5.14
C TRP B 24 19.02 -0.23 5.88
N CYS B 25 19.23 -1.42 6.40
CA CYS B 25 20.54 -1.71 7.02
C CYS B 25 21.62 -1.80 5.97
N VAL B 26 22.59 -0.88 6.03
CA VAL B 26 23.72 -0.91 5.10
C VAL B 26 24.89 -1.72 5.64
N CYS B 27 24.98 -1.90 6.96
CA CYS B 27 26.18 -2.45 7.59
C CYS B 27 26.16 -3.96 7.72
N GLY B 28 25.00 -4.60 7.58
CA GLY B 28 24.90 -6.03 7.71
C GLY B 28 24.78 -6.54 9.13
N ARG B 29 24.79 -5.69 10.15
CA ARG B 29 24.76 -6.13 11.54
C ARG B 29 23.39 -6.12 12.18
N SER B 30 22.35 -5.59 11.51
CA SER B 30 21.06 -5.50 12.21
C SER B 30 20.55 -6.89 12.50
N LYS B 31 20.01 -7.06 13.71
CA LYS B 31 19.34 -8.34 14.02
C LYS B 31 17.93 -8.40 13.47
N LYS B 32 17.54 -7.42 12.68
CA LYS B 32 16.19 -7.31 12.15
C LYS B 32 16.23 -7.03 10.68
N GLN B 33 17.00 -7.85 9.96
CA GLN B 33 17.15 -7.65 8.52
C GLN B 33 15.77 -7.54 7.87
N PRO B 34 15.62 -6.70 6.84
CA PRO B 34 16.69 -5.94 6.17
C PRO B 34 16.83 -4.52 6.67
N PHE B 35 16.11 -4.16 7.72
CA PHE B 35 16.08 -2.78 8.22
C PHE B 35 17.02 -2.61 9.39
N CYS B 36 17.38 -1.35 9.61
CA CYS B 36 18.33 -0.95 10.65
C CYS B 36 17.69 -1.03 12.05
N ASP B 37 18.44 -1.58 13.01
CA ASP B 37 18.04 -1.60 14.40
C ASP B 37 18.97 -0.81 15.29
N GLY B 38 19.87 0.00 14.71
CA GLY B 38 20.76 0.81 15.50
C GLY B 38 22.11 0.18 15.80
N SER B 39 22.27 -1.09 15.43
CA SER B 39 23.55 -1.80 15.59
C SER B 39 24.71 -1.05 14.95
N CYS B 40 24.49 -0.45 13.77
CA CYS B 40 25.52 0.41 13.15
C CYS B 40 26.09 1.40 14.15
N PHE B 41 25.22 2.00 14.96
CA PHE B 41 25.65 2.97 15.94
C PHE B 41 26.13 2.30 17.23
N PHE B 42 25.41 1.25 17.67
CA PHE B 42 25.77 0.61 18.93
C PHE B 42 27.20 0.10 18.85
N GLN B 43 27.57 -0.47 17.71
CA GLN B 43 28.90 -1.06 17.55
C GLN B 43 29.93 -0.10 16.96
N ARG B 44 29.60 1.18 16.86
CA ARG B 44 30.52 2.22 16.41
C ARG B 44 31.17 1.86 15.07
N THR B 45 30.32 1.48 14.10
CA THR B 45 30.77 1.11 12.77
C THR B 45 31.18 2.32 11.95
N GLY B 46 30.79 3.53 12.34
CA GLY B 46 30.93 4.67 11.46
C GLY B 46 30.00 4.69 10.26
N LEU B 47 29.09 3.72 10.16
CA LEU B 47 28.08 3.68 9.12
C LEU B 47 26.74 4.14 9.69
N SER B 48 25.82 4.44 8.80
CA SER B 48 24.47 4.79 9.22
C SER B 48 23.49 4.30 8.16
N PRO B 49 22.21 4.14 8.53
CA PRO B 49 21.29 3.49 7.62
C PRO B 49 20.94 4.39 6.43
N LEU B 50 20.54 3.74 5.36
CA LEU B 50 20.04 4.45 4.18
C LEU B 50 18.55 4.73 4.40
N LYS B 51 18.23 5.95 4.81
CA LYS B 51 16.84 6.31 5.02
C LYS B 51 16.19 6.64 3.68
N PHE B 52 14.98 6.11 3.45
CA PHE B 52 14.27 6.44 2.23
C PHE B 52 12.77 6.39 2.46
N LYS B 53 12.08 7.24 1.71
CA LYS B 53 10.64 7.26 1.68
C LYS B 53 10.16 6.46 0.46
N ALA B 54 9.42 5.41 0.72
CA ALA B 54 8.91 4.59 -0.38
C ALA B 54 8.05 5.44 -1.29
N GLN B 55 8.23 5.26 -2.59
CA GLN B 55 7.47 6.02 -3.59
C GLN B 55 6.38 5.21 -4.27
N GLU B 56 6.24 3.94 -3.94
CA GLU B 56 5.14 3.12 -4.45
C GLU B 56 4.89 2.02 -3.44
N THR B 57 3.62 1.64 -3.32
CA THR B 57 3.26 0.49 -2.50
C THR B 57 3.49 -0.78 -3.33
N ARG B 58 4.41 -1.61 -2.87
CA ARG B 58 4.69 -2.86 -3.57
C ARG B 58 5.45 -3.80 -2.66
N MET B 59 5.40 -5.06 -3.03
CA MET B 59 6.15 -6.09 -2.34
C MET B 59 7.44 -6.22 -3.08
N VAL B 60 8.57 -6.02 -2.38
CA VAL B 60 9.86 -6.04 -3.06
C VAL B 60 10.91 -6.71 -2.20
N ALA B 61 11.91 -7.27 -2.86
CA ALA B 61 13.01 -7.98 -2.22
C ALA B 61 14.12 -6.99 -1.90
N LEU B 62 14.44 -6.84 -0.62
CA LEU B 62 15.50 -5.94 -0.20
C LEU B 62 16.77 -6.73 0.13
N CYS B 63 17.91 -6.06 -0.01
CA CYS B 63 19.19 -6.75 0.02
C CYS B 63 19.67 -6.97 1.45
N THR B 64 20.13 -8.20 1.70
CA THR B 64 20.67 -8.64 2.97
C THR B 64 22.15 -8.95 2.91
N CYS B 65 22.67 -9.31 1.75
CA CYS B 65 24.10 -9.51 1.56
C CYS B 65 24.86 -8.20 1.56
N LYS B 66 24.18 -7.09 1.28
CA LYS B 66 24.72 -5.73 1.36
C LYS B 66 25.67 -5.38 0.22
N ALA B 67 25.73 -6.20 -0.83
CA ALA B 67 26.60 -5.94 -1.96
C ALA B 67 25.84 -5.51 -3.21
N THR B 68 24.53 -5.29 -3.11
CA THR B 68 23.77 -4.82 -4.26
C THR B 68 24.37 -3.54 -4.83
N GLN B 69 24.25 -3.41 -6.15
CA GLN B 69 24.60 -2.18 -6.84
C GLN B 69 23.44 -1.20 -6.91
N ARG B 70 22.26 -1.58 -6.42
CA ARG B 70 21.11 -0.71 -6.44
C ARG B 70 20.42 -0.67 -5.07
N PRO B 71 21.13 -0.17 -4.05
CA PRO B 71 20.57 -0.17 -2.69
C PRO B 71 19.29 0.63 -2.61
N PRO B 72 18.31 0.19 -1.83
CA PRO B 72 18.27 -0.94 -0.87
C PRO B 72 17.88 -2.28 -1.49
N TYR B 73 17.70 -2.31 -2.80
CA TYR B 73 17.07 -3.45 -3.46
C TYR B 73 18.06 -4.56 -3.73
N CYS B 74 17.57 -5.79 -3.68
CA CYS B 74 18.32 -6.93 -4.22
C CYS B 74 18.36 -6.81 -5.74
N ASP B 75 19.55 -6.87 -6.32
CA ASP B 75 19.73 -6.88 -7.76
C ASP B 75 20.37 -8.17 -8.25
N GLY B 76 20.27 -9.26 -7.49
CA GLY B 76 20.89 -10.49 -7.91
C GLY B 76 22.38 -10.62 -7.61
N THR B 77 23.01 -9.61 -7.04
CA THR B 77 24.42 -9.75 -6.70
C THR B 77 24.63 -10.92 -5.76
N CYS B 78 23.61 -11.26 -4.97
CA CYS B 78 23.71 -12.36 -4.01
C CYS B 78 23.96 -13.70 -4.70
N ARG B 79 23.57 -13.83 -5.96
CA ARG B 79 23.78 -15.07 -6.71
C ARG B 79 25.22 -15.21 -7.21
N SER B 80 26.06 -14.22 -6.99
CA SER B 80 27.42 -14.23 -7.51
C SER B 80 28.32 -15.13 -6.67
N GLU B 81 29.33 -15.68 -7.34
CA GLU B 81 30.33 -16.51 -6.69
C GLU B 81 30.89 -15.84 -5.44
N ARG B 82 31.26 -14.56 -5.55
CA ARG B 82 31.88 -13.83 -4.46
C ARG B 82 31.02 -13.84 -3.21
N VAL B 83 29.69 -13.71 -3.36
CA VAL B 83 28.80 -13.67 -2.21
C VAL B 83 28.49 -15.09 -1.73
N GLN B 84 28.21 -16.00 -2.66
CA GLN B 84 27.88 -17.36 -2.27
C GLN B 84 29.05 -18.01 -1.54
N LYS B 85 30.28 -17.64 -1.88
CA LYS B 85 31.46 -18.21 -1.25
C LYS B 85 31.78 -17.57 0.08
N ALA B 86 31.22 -16.40 0.39
CA ALA B 86 31.65 -15.69 1.59
C ALA B 86 31.00 -16.31 2.83
N GLU B 87 31.48 -15.87 3.97
CA GLU B 87 31.03 -16.34 5.27
C GLU B 87 30.02 -15.37 5.87
N VAL B 88 28.84 -15.88 6.21
CA VAL B 88 27.80 -15.04 6.77
C VAL B 88 28.30 -14.39 8.06
N GLY B 89 27.99 -13.11 8.22
CA GLY B 89 28.39 -12.36 9.40
C GLY B 89 29.72 -11.67 9.26
N SER B 90 30.39 -11.83 8.13
CA SER B 90 31.72 -11.32 7.86
C SER B 90 31.71 -10.53 6.56
N PRO B 91 32.69 -9.65 6.34
CA PRO B 91 32.76 -8.94 5.07
C PRO B 91 33.15 -9.85 3.93
N LEU B 92 32.88 -9.39 2.72
CA LEU B 92 33.26 -10.09 1.51
C LEU B 92 34.78 -10.22 1.39
N PRO C 1 -20.83 29.79 4.07
CA PRO C 1 -20.11 28.90 4.98
C PRO C 1 -18.94 29.61 5.59
N ALA C 2 -18.20 28.96 6.49
CA ALA C 2 -16.96 29.53 6.97
C ALA C 2 -15.97 29.77 5.82
N ARG C 3 -15.04 30.68 6.05
CA ARG C 3 -13.92 30.80 5.12
C ARG C 3 -13.01 29.58 5.23
N SER C 4 -12.48 29.13 4.10
CA SER C 4 -11.32 28.25 4.15
C SER C 4 -10.11 28.94 4.77
N VAL C 5 -9.24 28.15 5.39
CA VAL C 5 -7.97 28.62 5.94
C VAL C 5 -6.80 27.83 5.34
N VAL C 6 -5.65 28.49 5.37
CA VAL C 6 -4.36 27.94 4.94
C VAL C 6 -3.90 26.93 5.98
N ALA C 7 -3.87 25.64 5.62
CA ALA C 7 -3.47 24.64 6.59
C ALA C 7 -1.96 24.53 6.67
N LEU C 8 -1.28 24.69 5.55
CA LEU C 8 0.16 24.64 5.47
C LEU C 8 0.55 25.40 4.22
N LYS C 9 1.83 25.70 4.07
CA LYS C 9 2.25 26.47 2.92
C LYS C 9 3.01 25.65 1.90
N THR C 10 3.10 24.33 2.10
CA THR C 10 3.76 23.46 1.11
C THR C 10 2.90 22.23 0.88
N PRO C 11 2.79 21.76 -0.36
CA PRO C 11 1.96 20.58 -0.64
C PRO C 11 2.49 19.31 0.01
N ILE C 12 1.64 18.28 0.11
CA ILE C 12 2.03 16.97 0.62
C ILE C 12 1.93 15.95 -0.51
N LYS C 13 3.03 15.23 -0.77
CA LYS C 13 3.02 14.14 -1.73
C LYS C 13 2.36 12.92 -1.07
N VAL C 14 1.30 12.40 -1.69
CA VAL C 14 0.60 11.21 -1.22
C VAL C 14 0.41 10.23 -2.38
N GLU C 15 0.27 8.95 -2.07
CA GLU C 15 -0.02 7.99 -3.12
C GLU C 15 -1.54 7.96 -3.28
N LEU C 16 -2.02 8.11 -4.52
CA LEU C 16 -3.40 7.77 -4.85
C LEU C 16 -3.40 6.37 -5.49
N VAL C 17 -4.35 5.54 -5.10
CA VAL C 17 -4.46 4.18 -5.61
C VAL C 17 -5.63 4.08 -6.58
N ALA C 18 -5.36 3.56 -7.79
CA ALA C 18 -6.43 3.38 -8.78
C ALA C 18 -7.62 2.63 -8.17
N GLY C 19 -8.82 3.13 -8.41
CA GLY C 19 -10.03 2.54 -7.87
C GLY C 19 -10.45 3.04 -6.50
N LYS C 20 -9.60 3.78 -5.79
CA LYS C 20 -9.93 4.19 -4.44
C LYS C 20 -10.50 5.60 -4.43
N THR C 21 -11.46 5.81 -3.53
CA THR C 21 -12.06 7.12 -3.33
C THR C 21 -11.39 7.89 -2.20
N TYR C 22 -11.22 9.18 -2.41
CA TYR C 22 -10.55 10.04 -1.44
C TYR C 22 -11.40 11.27 -1.23
N ARG C 23 -11.17 11.95 -0.11
CA ARG C 23 -11.88 13.17 0.26
C ARG C 23 -10.82 14.22 0.62
N TRP C 24 -10.60 15.17 -0.29
CA TRP C 24 -9.61 16.23 -0.06
C TRP C 24 -10.21 17.26 0.87
N CYS C 25 -9.40 17.73 1.82
CA CYS C 25 -9.88 18.74 2.76
C CYS C 25 -9.92 20.08 2.04
N VAL C 26 -11.15 20.60 1.87
CA VAL C 26 -11.43 21.90 1.29
C VAL C 26 -11.22 23.02 2.31
N CYS C 27 -11.51 22.73 3.61
CA CYS C 27 -11.70 23.80 4.60
C CYS C 27 -10.40 24.27 5.22
N GLY C 28 -9.33 23.48 5.14
CA GLY C 28 -8.08 23.80 5.78
C GLY C 28 -7.94 23.39 7.23
N ARG C 29 -8.95 22.75 7.85
CA ARG C 29 -8.90 22.47 9.27
C ARG C 29 -8.55 21.03 9.61
N SER C 30 -8.55 20.13 8.64
CA SER C 30 -8.18 18.76 8.98
C SER C 30 -6.79 18.70 9.61
N LYS C 31 -6.65 17.83 10.61
CA LYS C 31 -5.34 17.54 11.20
C LYS C 31 -4.69 16.32 10.58
N LYS C 32 -5.28 15.79 9.51
CA LYS C 32 -4.66 14.74 8.71
C LYS C 32 -4.49 15.23 7.29
N GLN C 33 -3.79 16.36 7.11
CA GLN C 33 -3.67 16.94 5.78
C GLN C 33 -2.99 15.94 4.85
N PRO C 34 -3.39 15.87 3.57
CA PRO C 34 -4.30 16.76 2.85
C PRO C 34 -5.74 16.30 2.79
N PHE C 35 -6.07 15.23 3.52
CA PHE C 35 -7.40 14.64 3.46
C PHE C 35 -8.31 15.10 4.61
N CYS C 36 -9.60 15.00 4.35
CA CYS C 36 -10.63 15.41 5.30
C CYS C 36 -10.59 14.48 6.50
N ASP C 37 -10.68 15.05 7.72
CA ASP C 37 -10.85 14.22 8.91
C ASP C 37 -12.15 14.50 9.63
N GLY C 38 -13.09 15.18 8.98
CA GLY C 38 -14.36 15.48 9.57
C GLY C 38 -14.42 16.81 10.30
N SER C 39 -13.29 17.53 10.39
CA SER C 39 -13.26 18.80 11.13
C SER C 39 -14.25 19.79 10.55
N CYS C 40 -14.45 19.71 9.23
CA CYS C 40 -15.44 20.54 8.53
C CYS C 40 -16.82 20.40 9.15
N PHE C 41 -17.17 19.19 9.58
CA PHE C 41 -18.46 18.93 10.23
C PHE C 41 -18.41 19.14 11.74
N PHE C 42 -17.31 18.73 12.38
CA PHE C 42 -17.24 18.83 13.83
C PHE C 42 -17.28 20.29 14.22
N GLN C 43 -16.75 21.17 13.36
CA GLN C 43 -16.69 22.59 13.65
C GLN C 43 -17.84 23.36 12.97
N ARG C 44 -18.77 22.63 12.34
CA ARG C 44 -19.97 23.18 11.67
C ARG C 44 -19.61 24.33 10.71
N THR C 45 -18.60 24.09 9.87
CA THR C 45 -18.14 25.13 8.96
C THR C 45 -19.11 25.38 7.81
N GLY C 46 -19.98 24.41 7.53
CA GLY C 46 -20.80 24.43 6.35
C GLY C 46 -20.09 24.03 5.07
N LEU C 47 -18.81 23.68 5.15
CA LEU C 47 -18.03 23.19 4.03
C LEU C 47 -18.02 21.67 4.05
N SER C 48 -17.72 21.08 2.90
CA SER C 48 -17.51 19.64 2.90
C SER C 48 -16.38 19.31 1.94
N PRO C 49 -15.85 18.11 2.04
CA PRO C 49 -14.66 17.77 1.26
C PRO C 49 -14.96 17.52 -0.21
N LEU C 50 -13.88 17.55 -0.99
CA LEU C 50 -13.94 17.22 -2.39
C LEU C 50 -13.73 15.72 -2.51
N LYS C 51 -14.77 15.02 -2.92
CA LYS C 51 -14.73 13.58 -3.08
C LYS C 51 -14.32 13.22 -4.51
N PHE C 52 -13.32 12.37 -4.64
CA PHE C 52 -12.87 12.03 -5.98
C PHE C 52 -12.30 10.62 -5.96
N LYS C 53 -12.37 9.97 -7.10
CA LYS C 53 -11.91 8.58 -7.25
C LYS C 53 -10.69 8.56 -8.17
N ALA C 54 -9.56 8.07 -7.65
CA ALA C 54 -8.35 7.96 -8.44
C ALA C 54 -8.50 6.84 -9.47
N GLN C 55 -7.93 7.04 -10.65
CA GLN C 55 -7.95 6.01 -11.69
C GLN C 55 -6.55 5.60 -12.13
N GLU C 56 -5.51 6.20 -11.55
CA GLU C 56 -4.12 5.81 -11.73
C GLU C 56 -3.46 5.72 -10.36
N THR C 57 -2.54 4.76 -10.18
CA THR C 57 -1.77 4.66 -8.93
C THR C 57 -0.47 5.44 -9.08
N ARG C 58 -0.32 6.52 -8.31
CA ARG C 58 0.89 7.33 -8.45
C ARG C 58 1.02 8.24 -7.25
N MET C 59 2.23 8.79 -7.08
CA MET C 59 2.49 9.82 -6.07
C MET C 59 2.13 11.19 -6.65
N VAL C 60 1.36 11.97 -5.90
CA VAL C 60 0.88 13.26 -6.40
C VAL C 60 0.92 14.23 -5.24
N ALA C 61 1.13 15.50 -5.57
CA ALA C 61 1.16 16.57 -4.58
C ALA C 61 -0.23 17.19 -4.48
N LEU C 62 -0.87 17.06 -3.31
CA LEU C 62 -2.17 17.64 -3.05
C LEU C 62 -2.01 18.94 -2.26
N CYS C 63 -2.92 19.86 -2.54
CA CYS C 63 -2.82 21.22 -2.00
C CYS C 63 -3.19 21.31 -0.51
N THR C 64 -2.33 21.97 0.27
CA THR C 64 -2.63 22.24 1.67
C THR C 64 -2.94 23.71 1.98
N CYS C 65 -2.52 24.64 1.13
CA CYS C 65 -2.82 26.06 1.35
C CYS C 65 -4.28 26.37 1.08
N LYS C 66 -4.92 25.51 0.29
CA LYS C 66 -6.34 25.51 -0.09
C LYS C 66 -6.67 26.58 -1.10
N ALA C 67 -5.66 27.21 -1.69
CA ALA C 67 -5.82 28.23 -2.72
C ALA C 67 -5.55 27.75 -4.15
N THR C 68 -5.25 26.46 -4.39
CA THR C 68 -5.07 26.01 -5.77
C THR C 68 -6.29 26.29 -6.66
N GLN C 69 -6.01 26.58 -7.92
CA GLN C 69 -7.04 26.69 -8.95
C GLN C 69 -7.46 25.36 -9.52
N ARG C 70 -6.77 24.27 -9.15
CA ARG C 70 -6.99 22.94 -9.73
C ARG C 70 -7.18 21.93 -8.59
N PRO C 71 -8.11 22.19 -7.69
CA PRO C 71 -8.26 21.30 -6.54
C PRO C 71 -8.64 19.91 -6.99
N PRO C 72 -8.14 18.89 -6.33
CA PRO C 72 -7.35 18.91 -5.08
C PRO C 72 -5.82 19.11 -5.23
N TYR C 73 -5.32 19.25 -6.46
CA TYR C 73 -3.88 19.25 -6.69
C TYR C 73 -3.23 20.60 -6.42
N CYS C 74 -2.02 20.56 -5.87
CA CYS C 74 -1.13 21.71 -5.86
C CYS C 74 -0.89 22.19 -7.28
N ASP C 75 -1.04 23.51 -7.49
CA ASP C 75 -0.74 24.10 -8.80
C ASP C 75 0.25 25.25 -8.64
N GLY C 76 0.90 25.34 -7.50
CA GLY C 76 1.93 26.34 -7.26
C GLY C 76 1.42 27.65 -6.72
N THR C 77 0.09 27.77 -6.53
CA THR C 77 -0.45 29.00 -5.95
C THR C 77 0.15 29.25 -4.59
N CYS C 78 0.48 28.18 -3.86
CA CYS C 78 1.20 28.29 -2.61
C CYS C 78 2.48 29.12 -2.71
N ARG C 79 3.09 29.18 -3.88
CA ARG C 79 4.33 29.92 -3.99
C ARG C 79 4.11 31.36 -4.39
N SER C 80 2.87 31.78 -4.52
CA SER C 80 2.56 33.17 -4.74
C SER C 80 2.87 33.98 -3.47
N GLU C 81 3.31 35.22 -3.67
CA GLU C 81 3.70 36.06 -2.53
C GLU C 81 2.56 36.19 -1.53
N ARG C 82 1.33 36.32 -2.04
CA ARG C 82 0.15 36.34 -1.19
C ARG C 82 0.09 35.15 -0.24
N VAL C 83 0.28 33.92 -0.73
CA VAL C 83 0.20 32.80 0.20
C VAL C 83 1.45 32.75 1.06
N GLN C 84 2.59 33.16 0.51
CA GLN C 84 3.85 33.10 1.27
C GLN C 84 3.79 34.04 2.47
N LYS C 85 3.14 35.17 2.32
CA LYS C 85 2.94 36.14 3.39
C LYS C 85 1.76 35.80 4.30
N ALA C 86 0.94 34.81 3.96
CA ALA C 86 -0.16 34.50 4.85
C ALA C 86 0.37 33.65 6.00
N GLU C 87 -0.33 33.65 7.10
CA GLU C 87 0.01 32.73 8.17
C GLU C 87 -0.89 31.50 8.15
N VAL C 88 -0.33 30.37 8.58
CA VAL C 88 -1.13 29.17 8.75
C VAL C 88 -2.29 29.50 9.68
N GLY C 89 -3.48 29.03 9.32
CA GLY C 89 -4.64 29.18 10.17
C GLY C 89 -5.52 30.34 9.77
N SER C 90 -5.03 31.20 8.94
CA SER C 90 -5.74 32.42 8.56
C SER C 90 -6.50 32.21 7.28
N PRO C 91 -7.54 33.01 7.07
CA PRO C 91 -8.52 32.75 6.02
C PRO C 91 -8.07 33.19 4.64
N LEU C 92 -8.86 32.70 3.69
CA LEU C 92 -8.63 32.84 2.27
C LEU C 92 -9.72 33.72 1.64
FE1 FES D . -9.54 -22.61 0.29
FE2 FES D . -12.10 -21.95 -0.28
S1 FES D . -10.54 -22.44 -1.72
S2 FES D . -11.14 -22.04 1.70
FE1 FES E . -19.81 -10.56 -8.42
FE2 FES E . -19.38 -13.24 -7.89
S1 FES E . -19.49 -11.56 -6.46
S2 FES E . -19.62 -12.22 -9.85
FE1 FES F . 21.90 0.37 11.18
FE2 FES F . 22.92 -1.76 9.93
S1 FES F . 22.74 0.29 9.11
S2 FES F . 21.95 -1.74 11.91
FE1 FES G . 20.37 -9.95 -3.40
FE2 FES G . 22.07 -8.53 -1.85
S1 FES G . 20.53 -9.96 -1.20
S2 FES G . 21.79 -8.35 -3.97
FE1 FES H . -13.37 17.95 5.97
FE2 FES H . -11.54 19.97 5.85
S1 FES H . -13.00 19.46 4.34
S2 FES H . -11.75 18.44 7.44
FE1 FES I . 0.46 24.30 -3.63
FE2 FES I . -1.88 24.89 -2.40
S1 FES I . -0.22 23.72 -1.58
S2 FES I . -1.34 25.29 -4.49
#